data_8IUB
#
_entry.id   8IUB
#
_cell.length_a   41.911
_cell.length_b   91.058
_cell.length_c   137.354
_cell.angle_alpha   90.000
_cell.angle_beta   90.000
_cell.angle_gamma   90.000
#
_symmetry.space_group_name_H-M   'P 21 21 21'
#
loop_
_entity.id
_entity.type
_entity.pdbx_description
1 polymer 'Candidate dextranase Glycoside hydrolase family 66'
2 branched alpha-D-glucopyranose-(1-6)-alpha-D-glucopyranose-(1-6)-alpha-D-glucopyranose
3 non-polymer 'SULFATE ION'
4 non-polymer 'SODIUM ION'
5 water water
#
_entity_poly.entity_id   1
_entity_poly.type   'polypeptide(L)'
_entity_poly.pdbx_seq_one_letter_code
;MGSSHHHHHHSSGLVPRGSHMASAEDAVTAKITLKTDKASYKPGETVNFTADKVFNSSLIRYTHLGKVIKEETFSGTSWS
WLPPSDDFQGYMVAIYQTNTDGTQTILGTVGIDVSSDWAKFPRYGFLSEFGNISESDRAAVIDNLKDYHINGIQFYDWQY
RQHQPLAGTVSNPMPVWNDIINREVYGSTVSGYIAQAHSKNMKAMFYNLAYGVLNDYDPNLIKQQQFVYKDANHNDKDKH
ELGWPFISNIYITDPANTAWQNYLAQKNDDVYKVYDFDGFHIDQLGDRGNVFRYDGTNADLKNAFPSFISAMKSANTNKK
LVMNAVNQYGQKEIAGKELDFLYTEVWSPNEGFKDLTQVLTDNAAYSNNSKNTVLAAYMNYNKANNQGMFNTPGVLLTDA
VIFAFGGSHLELGEHMLGKEYFPNKNLSMSAELKSSLLEYYDFMTAYQNLLRDGGTYTNPTIATGDGKLNLGSWPPTMGK
VAAVGKQVGSREIIHLLNFTNANSLNWRDTDGTQNVPDLIKQAMLNLNHSGKVTKIWYASPDYNGGAAVELSFSQNGEKV
NFKVPVLQYWAMIVVE
;
_entity_poly.pdbx_strand_id   A
#
loop_
_chem_comp.id
_chem_comp.type
_chem_comp.name
_chem_comp.formula
GLC D-saccharide, alpha linking alpha-D-glucopyranose 'C6 H12 O6'
NA non-polymer 'SODIUM ION' 'Na 1'
SO4 non-polymer 'SULFATE ION' 'O4 S -2'
#
# COMPACT_ATOMS: atom_id res chain seq x y z
N LYS A 31 -0.77 -24.97 -14.10
CA LYS A 31 -0.66 -23.96 -13.02
C LYS A 31 -1.93 -23.94 -12.19
N ILE A 32 -1.85 -23.33 -11.02
CA ILE A 32 -3.00 -23.26 -10.15
C ILE A 32 -3.18 -21.84 -9.62
N THR A 33 -4.43 -21.53 -9.32
CA THR A 33 -4.72 -20.44 -8.40
C THR A 33 -4.68 -21.00 -6.99
N LEU A 34 -4.04 -20.22 -6.13
CA LEU A 34 -3.83 -20.60 -4.77
C LEU A 34 -4.12 -19.38 -3.91
N LYS A 35 -5.12 -19.54 -3.02
CA LYS A 35 -5.64 -18.47 -2.16
C LYS A 35 -5.72 -18.93 -0.71
N THR A 36 -5.82 -17.97 0.22
CA THR A 36 -6.16 -18.22 1.61
C THR A 36 -7.45 -17.49 1.96
N ASP A 37 -8.02 -17.85 3.12
CA ASP A 37 -9.34 -17.35 3.46
C ASP A 37 -9.37 -15.90 3.92
N LYS A 38 -8.25 -15.41 4.47
N LYS A 38 -8.26 -15.42 4.50
CA LYS A 38 -8.21 -14.07 5.04
CA LYS A 38 -8.19 -14.08 5.08
C LYS A 38 -7.01 -13.32 4.46
C LYS A 38 -7.01 -13.32 4.46
N ALA A 39 -6.99 -11.99 4.66
CA ALA A 39 -5.92 -11.12 4.15
C ALA A 39 -4.66 -11.26 4.99
N SER A 40 -4.81 -11.60 6.28
CA SER A 40 -3.74 -11.70 7.25
C SER A 40 -4.29 -12.52 8.41
N TYR A 41 -3.42 -12.94 9.32
CA TYR A 41 -3.75 -13.86 10.39
C TYR A 41 -3.10 -13.39 11.67
N LYS A 42 -3.89 -13.34 12.73
CA LYS A 42 -3.32 -13.09 14.03
C LYS A 42 -2.56 -14.34 14.47
N PRO A 43 -1.57 -14.18 15.36
CA PRO A 43 -0.93 -15.33 16.00
C PRO A 43 -1.98 -16.29 16.55
N GLY A 44 -1.77 -17.57 16.28
CA GLY A 44 -2.67 -18.59 16.74
C GLY A 44 -3.82 -18.91 15.79
N GLU A 45 -4.04 -18.12 14.74
CA GLU A 45 -5.15 -18.36 13.84
C GLU A 45 -4.70 -19.34 12.75
N THR A 46 -5.62 -20.21 12.37
CA THR A 46 -5.36 -21.18 11.32
C THR A 46 -5.61 -20.56 9.94
N VAL A 47 -4.72 -20.91 9.01
CA VAL A 47 -4.85 -20.53 7.63
C VAL A 47 -5.62 -21.63 6.90
N ASN A 48 -6.64 -21.26 6.11
CA ASN A 48 -7.37 -22.17 5.26
C ASN A 48 -7.11 -21.83 3.79
N PHE A 49 -6.61 -22.81 3.05
CA PHE A 49 -6.26 -22.65 1.66
C PHE A 49 -7.32 -23.19 0.70
N THR A 50 -7.35 -22.60 -0.52
CA THR A 50 -8.14 -23.04 -1.67
C THR A 50 -7.25 -23.03 -2.91
N ALA A 51 -7.18 -24.22 -3.53
CA ALA A 51 -6.62 -24.32 -4.86
C ALA A 51 -7.73 -24.67 -5.85
N ASP A 52 -7.59 -24.23 -7.11
CA ASP A 52 -8.64 -24.44 -8.09
C ASP A 52 -8.63 -25.87 -8.62
N LYS A 53 -7.50 -26.57 -8.45
CA LYS A 53 -7.36 -27.92 -8.95
C LYS A 53 -6.09 -28.51 -8.34
N VAL A 54 -6.05 -29.84 -8.31
CA VAL A 54 -4.90 -30.58 -7.81
C VAL A 54 -4.16 -31.19 -8.98
N PHE A 55 -2.83 -31.25 -8.85
CA PHE A 55 -1.96 -31.93 -9.80
C PHE A 55 -1.29 -33.08 -9.05
N ASN A 56 -1.09 -34.19 -9.75
CA ASN A 56 -0.50 -35.36 -9.11
C ASN A 56 1.00 -35.14 -8.95
N SER A 57 1.63 -36.03 -8.18
CA SER A 57 3.07 -35.97 -7.95
C SER A 57 3.48 -34.58 -7.46
N SER A 58 2.68 -33.98 -6.55
CA SER A 58 2.94 -32.61 -6.12
C SER A 58 3.02 -32.45 -4.59
N LEU A 59 3.67 -31.37 -4.20
CA LEU A 59 4.11 -31.10 -2.84
C LEU A 59 3.79 -29.65 -2.48
N ILE A 60 3.47 -29.42 -1.20
CA ILE A 60 3.29 -28.08 -0.65
C ILE A 60 4.48 -27.79 0.26
N ARG A 61 5.16 -26.68 -0.01
CA ARG A 61 6.35 -26.27 0.69
C ARG A 61 6.07 -24.92 1.36
N TYR A 62 6.20 -24.91 2.70
CA TYR A 62 5.99 -23.75 3.53
C TYR A 62 7.38 -23.19 3.84
N THR A 63 7.65 -21.93 3.49
CA THR A 63 8.96 -21.34 3.74
C THR A 63 8.86 -20.04 4.56
N HIS A 64 9.89 -19.85 5.40
CA HIS A 64 10.11 -18.59 6.09
C HIS A 64 11.50 -18.11 5.65
N LEU A 65 11.57 -16.95 4.99
CA LEU A 65 12.85 -16.37 4.56
C LEU A 65 13.66 -17.41 3.79
N GLY A 66 12.98 -18.11 2.87
CA GLY A 66 13.70 -19.01 2.00
C GLY A 66 14.00 -20.39 2.59
N LYS A 67 13.73 -20.58 3.88
CA LYS A 67 13.97 -21.86 4.54
C LYS A 67 12.66 -22.65 4.63
N VAL A 68 12.75 -23.95 4.32
CA VAL A 68 11.61 -24.85 4.42
C VAL A 68 11.36 -25.16 5.89
N ILE A 69 10.14 -24.85 6.33
CA ILE A 69 9.74 -25.17 7.68
C ILE A 69 8.71 -26.29 7.70
N LYS A 70 8.10 -26.62 6.55
CA LYS A 70 7.15 -27.73 6.49
C LYS A 70 6.99 -28.15 5.03
N GLU A 71 6.90 -29.45 4.77
CA GLU A 71 6.48 -29.95 3.48
C GLU A 71 5.38 -30.98 3.69
N GLU A 72 4.41 -30.99 2.78
CA GLU A 72 3.42 -32.05 2.80
C GLU A 72 2.84 -32.29 1.40
N THR A 73 2.22 -33.46 1.22
CA THR A 73 1.72 -33.83 -0.08
C THR A 73 0.55 -32.92 -0.45
N PHE A 74 0.52 -32.48 -1.73
CA PHE A 74 -0.61 -31.73 -2.28
C PHE A 74 -1.70 -32.76 -2.59
N SER A 75 -2.79 -32.67 -1.83
N SER A 75 -2.90 -32.56 -2.02
CA SER A 75 -3.86 -33.65 -1.89
CA SER A 75 -3.86 -33.66 -1.90
C SER A 75 -5.18 -32.89 -2.02
C SER A 75 -5.31 -33.18 -1.99
N GLY A 76 -5.85 -32.63 -0.88
CA GLY A 76 -7.17 -32.02 -0.87
C GLY A 76 -7.10 -30.62 -1.50
N THR A 77 -8.19 -30.18 -2.14
CA THR A 77 -8.19 -28.83 -2.72
C THR A 77 -8.41 -27.77 -1.62
N SER A 78 -8.90 -28.20 -0.46
CA SER A 78 -8.96 -27.37 0.73
C SER A 78 -8.12 -28.04 1.79
N TRP A 79 -7.39 -27.24 2.53
CA TRP A 79 -6.62 -27.75 3.65
C TRP A 79 -6.25 -26.59 4.53
N SER A 80 -5.80 -26.90 5.74
CA SER A 80 -5.45 -25.89 6.71
C SER A 80 -4.01 -26.02 7.17
N TRP A 81 -3.48 -24.91 7.71
CA TRP A 81 -2.16 -24.87 8.31
C TRP A 81 -2.23 -23.92 9.49
N LEU A 82 -1.66 -24.34 10.63
CA LEU A 82 -1.42 -23.41 11.74
C LEU A 82 0.02 -22.94 11.65
N PRO A 83 0.28 -21.66 11.36
CA PRO A 83 1.64 -21.14 11.28
C PRO A 83 2.28 -21.13 12.65
N PRO A 84 3.59 -20.91 12.70
CA PRO A 84 4.30 -20.62 13.96
C PRO A 84 3.62 -19.43 14.67
N SER A 85 3.78 -19.37 16.00
CA SER A 85 3.09 -18.37 16.79
C SER A 85 3.71 -16.98 16.70
N ASP A 86 4.91 -16.87 16.15
CA ASP A 86 5.65 -15.61 16.21
C ASP A 86 4.88 -14.51 15.50
N ASP A 87 4.80 -13.35 16.13
CA ASP A 87 4.07 -12.25 15.52
C ASP A 87 4.91 -11.52 14.46
N PHE A 88 4.22 -10.92 13.50
CA PHE A 88 4.78 -10.06 12.46
C PHE A 88 5.77 -10.85 11.62
N GLN A 89 5.30 -11.98 11.08
CA GLN A 89 6.15 -12.81 10.23
C GLN A 89 5.45 -13.06 8.90
N GLY A 90 6.23 -13.02 7.81
CA GLY A 90 5.73 -13.41 6.49
C GLY A 90 6.25 -14.79 6.09
N TYR A 91 5.42 -15.50 5.32
CA TYR A 91 5.74 -16.81 4.83
C TYR A 91 5.40 -16.87 3.35
N MET A 92 6.02 -17.82 2.65
CA MET A 92 5.54 -18.19 1.33
C MET A 92 5.07 -19.65 1.36
N VAL A 93 3.99 -19.93 0.64
CA VAL A 93 3.60 -21.29 0.39
C VAL A 93 3.64 -21.52 -1.13
N ALA A 94 4.34 -22.56 -1.51
CA ALA A 94 4.59 -22.87 -2.91
C ALA A 94 4.22 -24.33 -3.17
N ILE A 95 3.52 -24.57 -4.28
CA ILE A 95 3.21 -25.92 -4.68
C ILE A 95 4.01 -26.23 -5.93
N TYR A 96 4.64 -27.39 -5.86
CA TYR A 96 5.50 -27.91 -6.91
C TYR A 96 5.08 -29.32 -7.32
N GLN A 97 5.07 -29.59 -8.63
CA GLN A 97 5.02 -30.94 -9.16
C GLN A 97 6.46 -31.43 -9.33
N THR A 98 6.70 -32.66 -8.84
CA THR A 98 8.00 -33.30 -8.91
C THR A 98 8.11 -34.14 -10.18
N ASN A 99 9.21 -33.97 -10.92
CA ASN A 99 9.43 -34.70 -12.16
C ASN A 99 10.30 -35.90 -11.84
N THR A 100 10.24 -36.95 -12.69
CA THR A 100 10.96 -38.19 -12.46
C THR A 100 12.46 -37.94 -12.29
N ASP A 101 13.00 -36.97 -13.05
CA ASP A 101 14.43 -36.70 -13.04
C ASP A 101 14.86 -35.89 -11.82
N GLY A 102 13.89 -35.45 -11.00
CA GLY A 102 14.20 -34.71 -9.78
C GLY A 102 14.08 -33.21 -9.95
N THR A 103 13.83 -32.73 -11.17
CA THR A 103 13.45 -31.34 -11.35
C THR A 103 12.09 -31.16 -10.69
N GLN A 104 11.83 -29.90 -10.29
CA GLN A 104 10.54 -29.50 -9.78
C GLN A 104 10.02 -28.33 -10.60
N THR A 105 8.69 -28.29 -10.70
CA THR A 105 7.99 -27.28 -11.47
C THR A 105 7.03 -26.59 -10.52
N ILE A 106 7.16 -25.26 -10.42
CA ILE A 106 6.23 -24.48 -9.62
C ILE A 106 4.84 -24.46 -10.27
N LEU A 107 3.81 -24.70 -9.46
CA LEU A 107 2.45 -24.62 -9.94
C LEU A 107 1.79 -23.33 -9.47
N GLY A 108 2.09 -22.89 -8.24
CA GLY A 108 1.50 -21.66 -7.74
C GLY A 108 2.05 -21.36 -6.36
N THR A 109 1.88 -20.10 -5.97
CA THR A 109 2.37 -19.62 -4.70
C THR A 109 1.33 -18.70 -4.08
N VAL A 110 1.42 -18.59 -2.75
CA VAL A 110 0.68 -17.56 -2.05
C VAL A 110 1.49 -17.11 -0.85
N GLY A 111 1.49 -15.81 -0.61
CA GLY A 111 2.14 -15.23 0.57
C GLY A 111 1.17 -15.22 1.75
N ILE A 112 1.75 -15.31 2.95
CA ILE A 112 0.96 -15.28 4.18
C ILE A 112 1.60 -14.28 5.14
N ASP A 113 0.76 -13.49 5.77
CA ASP A 113 1.15 -12.57 6.83
C ASP A 113 0.52 -12.95 8.16
N VAL A 114 1.38 -13.31 9.15
CA VAL A 114 0.97 -13.43 10.53
C VAL A 114 1.31 -12.11 11.20
N SER A 115 0.28 -11.32 11.49
CA SER A 115 0.38 -10.04 12.20
C SER A 115 -0.82 -9.88 13.10
N SER A 116 -0.55 -9.41 14.34
CA SER A 116 -1.66 -9.10 15.24
C SER A 116 -2.33 -7.77 14.92
N ASP A 117 -1.70 -6.95 14.10
CA ASP A 117 -2.21 -5.63 13.77
C ASP A 117 -1.57 -5.15 12.47
N TRP A 118 -2.31 -4.41 11.65
CA TRP A 118 -1.88 -4.02 10.32
C TRP A 118 -0.78 -2.96 10.29
N ALA A 119 -0.48 -2.27 11.40
CA ALA A 119 0.28 -1.03 11.30
C ALA A 119 1.73 -1.25 10.92
N LYS A 120 2.26 -2.42 11.30
CA LYS A 120 3.65 -2.76 11.01
C LYS A 120 3.85 -2.96 9.51
N PHE A 121 2.93 -3.73 8.90
CA PHE A 121 3.04 -4.08 7.49
C PHE A 121 1.79 -3.66 6.75
N PRO A 122 1.51 -2.35 6.64
CA PRO A 122 0.27 -1.94 6.00
C PRO A 122 0.25 -2.29 4.52
N ARG A 123 -0.89 -2.77 4.09
CA ARG A 123 -1.21 -3.00 2.68
C ARG A 123 -2.62 -2.44 2.46
N TYR A 124 -2.64 -1.15 2.15
CA TYR A 124 -3.83 -0.34 2.23
C TYR A 124 -4.50 -0.36 0.86
N GLY A 125 -5.83 -0.58 0.87
CA GLY A 125 -6.66 -0.48 -0.33
C GLY A 125 -7.78 0.50 -0.06
N PHE A 126 -8.73 0.58 -1.01
CA PHE A 126 -9.81 1.55 -0.88
C PHE A 126 -11.14 0.96 -1.37
N LEU A 127 -12.22 1.63 -0.98
CA LEU A 127 -13.52 1.48 -1.65
C LEU A 127 -14.04 2.87 -1.94
N SER A 128 -14.87 2.92 -2.97
CA SER A 128 -15.24 4.20 -3.54
C SER A 128 -16.69 4.29 -4.05
N GLU A 129 -17.45 3.20 -4.03
CA GLU A 129 -18.81 3.16 -4.54
C GLU A 129 -19.67 2.52 -3.44
N PHE A 130 -20.66 3.25 -2.97
CA PHE A 130 -21.40 2.83 -1.78
C PHE A 130 -22.91 2.93 -2.00
N GLY A 131 -23.37 2.88 -3.25
CA GLY A 131 -24.78 2.90 -3.59
C GLY A 131 -25.43 1.54 -3.47
N ASN A 132 -26.40 1.30 -4.34
CA ASN A 132 -27.26 0.13 -4.24
C ASN A 132 -26.55 -1.05 -4.91
N ILE A 133 -25.51 -1.55 -4.25
CA ILE A 133 -24.65 -2.62 -4.73
C ILE A 133 -25.04 -3.91 -4.01
N SER A 134 -25.18 -5.00 -4.75
CA SER A 134 -25.66 -6.21 -4.11
C SER A 134 -24.60 -6.77 -3.16
N GLU A 135 -25.05 -7.53 -2.15
CA GLU A 135 -24.16 -8.23 -1.23
C GLU A 135 -23.16 -9.10 -1.99
N SER A 136 -23.61 -9.79 -3.04
CA SER A 136 -22.73 -10.67 -3.78
C SER A 136 -21.64 -9.87 -4.53
N ASP A 137 -22.00 -8.69 -5.05
CA ASP A 137 -21.04 -7.84 -5.73
C ASP A 137 -20.02 -7.29 -4.73
N ARG A 138 -20.50 -6.89 -3.56
CA ARG A 138 -19.65 -6.43 -2.48
C ARG A 138 -18.66 -7.52 -2.08
N ALA A 139 -19.14 -8.74 -1.99
CA ALA A 139 -18.28 -9.84 -1.59
C ALA A 139 -17.17 -10.05 -2.61
N ALA A 140 -17.49 -9.97 -3.89
CA ALA A 140 -16.49 -10.13 -4.93
C ALA A 140 -15.40 -9.06 -4.80
N VAL A 141 -15.81 -7.82 -4.55
CA VAL A 141 -14.84 -6.73 -4.40
C VAL A 141 -13.91 -7.01 -3.23
N ILE A 142 -14.50 -7.37 -2.07
CA ILE A 142 -13.70 -7.63 -0.88
C ILE A 142 -12.83 -8.88 -1.09
N ASP A 143 -13.39 -9.94 -1.67
CA ASP A 143 -12.59 -11.14 -1.85
C ASP A 143 -11.39 -10.88 -2.75
N ASN A 144 -11.54 -10.06 -3.78
CA ASN A 144 -10.43 -9.73 -4.61
C ASN A 144 -9.36 -9.00 -3.80
N LEU A 145 -9.73 -7.95 -3.05
CA LEU A 145 -8.76 -7.26 -2.21
C LEU A 145 -8.09 -8.24 -1.24
N LYS A 146 -8.84 -9.18 -0.70
CA LYS A 146 -8.31 -10.18 0.20
C LYS A 146 -7.20 -10.96 -0.47
N ASP A 147 -7.35 -11.26 -1.76
CA ASP A 147 -6.36 -12.04 -2.47
C ASP A 147 -5.03 -11.31 -2.67
N TYR A 148 -5.07 -9.98 -2.64
CA TYR A 148 -3.87 -9.15 -2.64
C TYR A 148 -3.35 -8.91 -1.22
N HIS A 149 -4.01 -9.55 -0.26
CA HIS A 149 -3.64 -9.47 1.15
C HIS A 149 -3.83 -8.08 1.72
N ILE A 150 -4.74 -7.28 1.14
CA ILE A 150 -5.07 -5.96 1.64
C ILE A 150 -5.57 -6.08 3.07
N ASN A 151 -4.91 -5.33 3.97
CA ASN A 151 -5.23 -5.51 5.40
C ASN A 151 -5.95 -4.31 6.00
N GLY A 152 -6.26 -3.30 5.18
CA GLY A 152 -7.13 -2.22 5.63
C GLY A 152 -7.62 -1.44 4.42
N ILE A 153 -8.77 -0.84 4.60
CA ILE A 153 -9.48 -0.20 3.48
C ILE A 153 -9.86 1.20 3.88
N GLN A 154 -9.49 2.15 3.00
CA GLN A 154 -9.91 3.54 3.10
C GLN A 154 -11.23 3.69 2.36
N PHE A 155 -12.33 3.95 3.09
CA PHE A 155 -13.64 4.15 2.48
C PHE A 155 -13.71 5.59 2.07
N TYR A 156 -13.69 5.86 0.74
CA TYR A 156 -13.51 7.21 0.20
C TYR A 156 -14.86 7.77 -0.28
N ASP A 157 -15.26 8.94 0.22
CA ASP A 157 -16.52 9.60 -0.21
C ASP A 157 -17.73 8.71 0.11
N TRP A 158 -17.65 7.95 1.19
CA TRP A 158 -18.81 7.33 1.81
C TRP A 158 -19.64 8.36 2.59
N GLN A 159 -18.98 9.43 3.08
CA GLN A 159 -19.54 10.28 4.10
C GLN A 159 -20.70 11.11 3.59
N TYR A 160 -21.54 11.56 4.52
CA TYR A 160 -22.59 12.50 4.21
C TYR A 160 -21.96 13.84 3.82
N ARG A 161 -21.33 14.53 4.79
CA ARG A 161 -20.72 15.83 4.54
C ARG A 161 -19.42 15.91 5.34
N GLN A 162 -18.45 16.67 4.84
CA GLN A 162 -17.18 16.84 5.55
C GLN A 162 -17.41 17.36 6.97
N HIS A 163 -18.41 18.20 7.16
CA HIS A 163 -18.71 18.76 8.46
C HIS A 163 -19.69 17.92 9.27
N GLN A 164 -20.21 16.87 8.66
CA GLN A 164 -21.16 15.98 9.34
C GLN A 164 -21.11 14.64 8.64
N PRO A 165 -20.10 13.81 8.90
CA PRO A 165 -19.96 12.59 8.14
C PRO A 165 -21.09 11.59 8.33
N LEU A 166 -21.72 11.59 9.50
CA LEU A 166 -22.92 10.77 9.76
C LEU A 166 -24.15 11.48 9.14
N ALA A 167 -24.87 10.80 8.21
CA ALA A 167 -26.17 11.26 7.72
C ALA A 167 -27.25 10.97 8.77
N GLY A 168 -28.03 11.97 9.12
CA GLY A 168 -28.98 11.88 10.21
C GLY A 168 -28.26 12.02 11.54
N THR A 169 -28.87 11.48 12.59
CA THR A 169 -28.36 11.51 13.96
C THR A 169 -28.18 10.07 14.44
N VAL A 170 -27.56 9.90 15.60
CA VAL A 170 -27.39 8.56 16.13
C VAL A 170 -28.75 7.94 16.41
N SER A 171 -29.68 8.68 17.01
CA SER A 171 -30.98 8.11 17.33
C SER A 171 -31.89 7.99 16.08
N ASN A 172 -31.61 8.79 15.04
CA ASN A 172 -32.40 8.81 13.81
C ASN A 172 -31.48 8.87 12.59
N PRO A 173 -30.72 7.82 12.27
CA PRO A 173 -29.84 7.84 11.10
C PRO A 173 -30.64 7.94 9.80
N MET A 174 -30.03 8.53 8.77
CA MET A 174 -30.60 8.48 7.44
C MET A 174 -30.11 7.19 6.78
N PRO A 175 -31.02 6.28 6.36
CA PRO A 175 -30.56 5.01 5.78
C PRO A 175 -29.99 5.14 4.37
N VAL A 176 -30.35 6.22 3.70
CA VAL A 176 -29.82 6.53 2.39
C VAL A 176 -29.55 8.02 2.37
N TRP A 177 -28.40 8.42 1.84
CA TRP A 177 -28.09 9.83 1.76
C TRP A 177 -27.50 10.11 0.41
N ASN A 178 -27.52 11.37 0.07
CA ASN A 178 -26.89 11.75 -1.17
C ASN A 178 -25.57 12.34 -0.72
N ASP A 179 -24.45 11.99 -1.40
CA ASP A 179 -23.09 12.33 -1.04
C ASP A 179 -22.64 13.65 -1.69
N ILE A 180 -21.31 13.94 -1.63
CA ILE A 180 -20.81 15.25 -2.07
C ILE A 180 -20.97 15.44 -3.59
N ILE A 181 -21.27 14.37 -4.35
CA ILE A 181 -21.60 14.51 -5.77
C ILE A 181 -23.03 14.15 -6.05
N ASN A 182 -23.84 14.21 -5.02
CA ASN A 182 -25.24 13.96 -5.14
C ASN A 182 -25.51 12.53 -5.64
N ARG A 183 -24.56 11.58 -5.41
CA ARG A 183 -24.73 10.14 -5.67
C ARG A 183 -25.38 9.53 -4.41
N GLU A 184 -26.32 8.58 -4.56
CA GLU A 184 -26.89 7.87 -3.41
C GLU A 184 -25.83 6.99 -2.72
N VAL A 185 -25.90 6.98 -1.38
CA VAL A 185 -25.11 6.10 -0.52
C VAL A 185 -26.11 5.39 0.35
N TYR A 186 -25.96 4.07 0.39
CA TYR A 186 -26.78 3.25 1.26
C TYR A 186 -26.02 2.92 2.54
N GLY A 187 -26.62 3.25 3.67
CA GLY A 187 -26.00 2.82 4.93
C GLY A 187 -25.79 1.31 5.00
N SER A 188 -26.76 0.53 4.45
CA SER A 188 -26.61 -0.92 4.46
C SER A 188 -25.43 -1.38 3.63
N THR A 189 -25.07 -0.64 2.56
CA THR A 189 -23.87 -0.96 1.81
C THR A 189 -22.63 -0.69 2.67
N VAL A 190 -22.61 0.44 3.34
CA VAL A 190 -21.46 0.78 4.17
C VAL A 190 -21.29 -0.26 5.27
N SER A 191 -22.37 -0.54 6.02
CA SER A 191 -22.30 -1.50 7.12
C SER A 191 -21.88 -2.87 6.60
N GLY A 192 -22.48 -3.28 5.46
CA GLY A 192 -22.19 -4.57 4.86
C GLY A 192 -20.70 -4.69 4.52
N TYR A 193 -20.19 -3.67 3.84
CA TYR A 193 -18.77 -3.67 3.48
C TYR A 193 -17.86 -3.78 4.72
N ILE A 194 -18.18 -3.02 5.77
CA ILE A 194 -17.37 -3.10 6.98
C ILE A 194 -17.38 -4.54 7.49
N ALA A 195 -18.55 -5.16 7.56
CA ALA A 195 -18.62 -6.52 8.08
C ALA A 195 -17.87 -7.49 7.19
N GLN A 196 -17.99 -7.33 5.87
CA GLN A 196 -17.25 -8.21 4.96
C GLN A 196 -15.75 -8.03 5.14
N ALA A 197 -15.30 -6.78 5.22
CA ALA A 197 -13.88 -6.52 5.45
C ALA A 197 -13.40 -7.16 6.75
N HIS A 198 -14.18 -7.02 7.82
CA HIS A 198 -13.84 -7.60 9.10
C HIS A 198 -13.72 -9.10 8.98
N SER A 199 -14.56 -9.75 8.17
CA SER A 199 -14.51 -11.20 8.11
C SER A 199 -13.21 -11.69 7.46
N LYS A 200 -12.52 -10.80 6.74
CA LYS A 200 -11.25 -11.12 6.09
C LYS A 200 -10.06 -10.61 6.89
N ASN A 201 -10.30 -10.13 8.10
CA ASN A 201 -9.31 -9.64 9.03
C ASN A 201 -8.80 -8.25 8.63
N MET A 202 -9.57 -7.51 7.81
CA MET A 202 -9.15 -6.18 7.40
C MET A 202 -9.69 -5.12 8.36
N LYS A 203 -8.99 -3.98 8.44
CA LYS A 203 -9.47 -2.81 9.13
C LYS A 203 -10.24 -1.91 8.13
N ALA A 204 -11.21 -1.19 8.67
CA ALA A 204 -12.04 -0.27 7.87
C ALA A 204 -11.84 1.16 8.42
N MET A 205 -11.31 2.04 7.55
CA MET A 205 -11.00 3.42 7.92
C MET A 205 -11.93 4.37 7.15
N PHE A 206 -12.65 5.24 7.85
CA PHE A 206 -13.54 6.16 7.15
C PHE A 206 -12.76 7.39 6.73
N TYR A 207 -12.93 7.80 5.46
CA TYR A 207 -12.34 9.04 4.98
C TYR A 207 -13.10 10.23 5.52
N ASN A 208 -12.35 11.29 5.86
CA ASN A 208 -12.89 12.63 5.94
C ASN A 208 -11.71 13.59 5.90
N LEU A 209 -11.98 14.85 5.60
CA LEU A 209 -10.95 15.86 5.81
C LEU A 209 -10.79 16.17 7.29
N ALA A 210 -9.65 16.74 7.63
CA ALA A 210 -9.41 17.24 8.98
C ALA A 210 -10.23 18.47 9.32
N TYR A 211 -10.67 19.20 8.29
CA TYR A 211 -11.03 20.61 8.46
C TYR A 211 -12.02 21.08 7.39
N GLY A 212 -12.80 20.17 6.81
CA GLY A 212 -13.70 20.54 5.73
C GLY A 212 -15.11 20.88 6.15
N VAL A 213 -15.69 21.85 5.44
CA VAL A 213 -17.05 22.28 5.68
C VAL A 213 -17.70 22.52 4.32
N LEU A 214 -18.86 21.93 4.06
CA LEU A 214 -19.57 22.23 2.83
C LEU A 214 -20.64 23.29 3.11
N ASN A 215 -21.23 23.81 2.03
CA ASN A 215 -21.99 25.04 2.10
C ASN A 215 -23.37 24.84 2.73
N ASP A 216 -23.70 23.61 3.16
CA ASP A 216 -24.96 23.35 3.85
C ASP A 216 -24.70 23.10 5.33
N TYR A 217 -23.54 23.49 5.85
CA TYR A 217 -23.25 23.38 7.28
C TYR A 217 -24.26 24.19 8.08
N ASP A 218 -24.37 23.86 9.36
CA ASP A 218 -25.34 24.51 10.21
C ASP A 218 -24.63 25.68 10.85
N PRO A 219 -24.99 26.94 10.47
CA PRO A 219 -24.23 28.06 10.99
C PRO A 219 -24.43 28.34 12.49
N ASN A 220 -25.36 27.60 13.11
CA ASN A 220 -25.56 27.61 14.55
C ASN A 220 -24.43 26.81 15.21
N LEU A 221 -23.81 25.90 14.45
CA LEU A 221 -22.85 24.98 15.04
C LEU A 221 -21.41 25.31 14.60
N ILE A 222 -21.17 25.88 13.42
CA ILE A 222 -19.80 26.22 13.06
C ILE A 222 -19.79 27.72 12.80
N LYS A 223 -18.98 28.42 13.60
CA LYS A 223 -19.09 29.87 13.67
C LYS A 223 -18.01 30.44 12.78
N GLN A 224 -18.13 31.72 12.42
CA GLN A 224 -17.16 32.35 11.54
C GLN A 224 -15.76 32.29 12.16
N GLN A 225 -15.70 32.26 13.49
CA GLN A 225 -14.42 32.35 14.18
C GLN A 225 -13.55 31.11 13.97
N GLN A 226 -14.12 30.09 13.35
CA GLN A 226 -13.44 28.83 13.20
C GLN A 226 -12.79 28.64 11.84
N PHE A 227 -13.12 29.49 10.85
CA PHE A 227 -12.67 29.29 9.47
C PHE A 227 -11.28 29.85 9.24
N VAL A 228 -10.66 29.35 8.17
CA VAL A 228 -9.42 29.85 7.60
C VAL A 228 -9.77 30.74 6.41
N TYR A 229 -9.05 31.88 6.30
CA TYR A 229 -9.38 32.93 5.37
C TYR A 229 -8.18 33.23 4.47
N LYS A 230 -8.45 33.76 3.26
CA LYS A 230 -7.41 34.12 2.31
C LYS A 230 -6.86 35.52 2.59
N ASP A 231 -7.45 36.24 3.56
CA ASP A 231 -6.98 37.58 3.95
C ASP A 231 -7.00 37.68 5.47
N ALA A 232 -6.44 38.78 6.01
CA ALA A 232 -6.27 38.98 7.44
C ALA A 232 -7.46 39.73 8.08
N ASN A 233 -8.59 39.86 7.36
CA ASN A 233 -9.73 40.60 7.89
C ASN A 233 -11.02 39.78 7.79
N HIS A 234 -10.86 38.45 7.84
CA HIS A 234 -11.97 37.51 7.91
C HIS A 234 -13.00 37.77 6.81
N ASN A 235 -12.51 38.08 5.61
CA ASN A 235 -13.33 38.40 4.46
C ASN A 235 -13.62 37.14 3.64
N ASP A 236 -12.65 36.65 2.86
CA ASP A 236 -12.88 35.56 1.94
C ASP A 236 -12.36 34.28 2.57
N LYS A 237 -13.27 33.32 2.74
CA LYS A 237 -12.88 32.02 3.26
C LYS A 237 -11.97 31.31 2.25
N ASP A 238 -10.97 30.61 2.77
CA ASP A 238 -10.21 29.67 1.94
C ASP A 238 -11.14 28.55 1.51
N LYS A 239 -10.97 28.02 0.30
CA LYS A 239 -11.80 26.93 -0.14
C LYS A 239 -11.10 26.14 -1.24
N HIS A 240 -11.48 24.88 -1.34
CA HIS A 240 -11.20 23.98 -2.44
C HIS A 240 -12.37 24.13 -3.42
N GLU A 241 -12.10 24.68 -4.60
CA GLU A 241 -13.13 24.89 -5.59
C GLU A 241 -13.43 23.61 -6.37
N LEU A 242 -14.72 23.29 -6.44
CA LEU A 242 -15.19 22.09 -7.14
C LEU A 242 -16.25 22.50 -8.14
N GLY A 243 -16.29 21.82 -9.28
CA GLY A 243 -17.37 21.98 -10.24
C GLY A 243 -18.33 20.80 -10.25
N TRP A 244 -19.13 20.67 -11.32
CA TRP A 244 -20.06 19.58 -11.46
C TRP A 244 -19.30 18.26 -11.37
N PRO A 245 -19.84 17.20 -10.71
CA PRO A 245 -21.14 17.16 -10.07
C PRO A 245 -21.17 17.51 -8.58
N PHE A 246 -20.16 18.20 -8.03
CA PHE A 246 -20.07 18.40 -6.59
C PHE A 246 -21.10 19.42 -6.12
N ILE A 247 -21.62 19.21 -4.91
CA ILE A 247 -22.71 19.98 -4.37
C ILE A 247 -22.22 21.31 -3.78
N SER A 248 -20.90 21.43 -3.58
CA SER A 248 -20.37 22.55 -2.81
C SER A 248 -18.88 22.64 -3.05
N ASN A 249 -18.37 23.86 -2.92
CA ASN A 249 -16.96 24.00 -2.61
C ASN A 249 -16.65 23.53 -1.20
N ILE A 250 -15.38 23.32 -0.89
CA ILE A 250 -15.01 22.88 0.46
C ILE A 250 -14.36 24.02 1.19
N TYR A 251 -15.03 24.52 2.20
CA TYR A 251 -14.49 25.55 3.06
C TYR A 251 -13.61 24.90 4.12
N ILE A 252 -12.72 25.68 4.71
CA ILE A 252 -11.66 25.16 5.54
C ILE A 252 -11.68 25.80 6.92
N THR A 253 -11.66 24.95 7.95
CA THR A 253 -11.52 25.40 9.33
C THR A 253 -10.10 25.20 9.84
N ASP A 254 -9.81 25.83 10.99
CA ASP A 254 -8.52 25.74 11.66
C ASP A 254 -8.46 24.47 12.51
N PRO A 255 -7.61 23.46 12.20
CA PRO A 255 -7.58 22.23 12.98
C PRO A 255 -7.05 22.37 14.41
N ALA A 256 -6.39 23.51 14.72
CA ALA A 256 -5.93 23.77 16.07
C ALA A 256 -7.03 24.46 16.90
N ASN A 257 -8.12 24.88 16.25
CA ASN A 257 -9.22 25.55 16.94
C ASN A 257 -9.96 24.51 17.79
N THR A 258 -9.95 24.66 19.11
CA THR A 258 -10.53 23.64 19.97
C THR A 258 -12.03 23.54 19.79
N ALA A 259 -12.76 24.61 19.45
CA ALA A 259 -14.18 24.45 19.12
C ALA A 259 -14.34 23.50 17.93
N TRP A 260 -13.52 23.63 16.91
CA TRP A 260 -13.60 22.72 15.78
C TRP A 260 -13.22 21.30 16.24
N GLN A 261 -12.15 21.18 17.03
CA GLN A 261 -11.73 19.85 17.47
C GLN A 261 -12.84 19.16 18.23
N ASN A 262 -13.53 19.86 19.14
CA ASN A 262 -14.56 19.18 19.92
C ASN A 262 -15.76 18.87 19.05
N TYR A 263 -16.06 19.73 18.08
CA TYR A 263 -17.17 19.51 17.16
C TYR A 263 -16.88 18.28 16.32
N LEU A 264 -15.70 18.18 15.70
CA LEU A 264 -15.43 17.07 14.81
C LEU A 264 -15.29 15.77 15.64
N ALA A 265 -14.73 15.85 16.85
CA ALA A 265 -14.69 14.69 17.73
C ALA A 265 -16.10 14.14 17.96
N GLN A 266 -17.07 15.03 18.22
CA GLN A 266 -18.44 14.56 18.41
C GLN A 266 -18.98 13.92 17.12
N LYS A 267 -18.70 14.56 15.98
CA LYS A 267 -19.10 14.00 14.70
C LYS A 267 -18.55 12.59 14.52
N ASN A 268 -17.28 12.40 14.92
CA ASN A 268 -16.64 11.11 14.76
C ASN A 268 -17.31 10.09 15.68
N ASP A 269 -17.55 10.46 16.93
CA ASP A 269 -18.20 9.53 17.85
C ASP A 269 -19.53 9.09 17.28
N ASP A 270 -20.27 10.02 16.71
CA ASP A 270 -21.56 9.69 16.13
C ASP A 270 -21.39 8.68 15.00
N VAL A 271 -20.40 8.88 14.12
CA VAL A 271 -20.08 7.91 13.08
C VAL A 271 -19.82 6.54 13.70
N TYR A 272 -18.94 6.46 14.68
CA TYR A 272 -18.55 5.19 15.25
C TYR A 272 -19.71 4.48 15.96
N LYS A 273 -20.68 5.23 16.46
CA LYS A 273 -21.85 4.57 17.05
C LYS A 273 -22.75 3.90 16.01
N VAL A 274 -22.77 4.41 14.76
CA VAL A 274 -23.67 3.90 13.75
C VAL A 274 -22.94 2.90 12.85
N TYR A 275 -21.69 3.14 12.48
CA TYR A 275 -20.90 2.36 11.53
C TYR A 275 -19.65 1.87 12.27
N ASP A 276 -19.37 0.57 12.16
CA ASP A 276 -18.32 -0.04 12.97
C ASP A 276 -16.93 0.12 12.36
N PHE A 277 -16.64 1.31 11.88
CA PHE A 277 -15.30 1.66 11.42
C PHE A 277 -14.28 1.48 12.54
N ASP A 278 -13.09 1.02 12.15
CA ASP A 278 -11.96 0.90 13.08
C ASP A 278 -11.20 2.21 13.31
N GLY A 279 -11.40 3.20 12.45
CA GLY A 279 -10.67 4.43 12.59
C GLY A 279 -11.06 5.41 11.49
N PHE A 280 -10.31 6.51 11.49
CA PHE A 280 -10.50 7.72 10.69
C PHE A 280 -9.26 7.93 9.85
N HIS A 281 -9.42 7.87 8.53
CA HIS A 281 -8.39 8.28 7.59
C HIS A 281 -8.54 9.78 7.37
N ILE A 282 -7.59 10.53 7.95
CA ILE A 282 -7.63 11.98 7.93
C ILE A 282 -6.98 12.48 6.65
N ASP A 283 -7.76 13.15 5.79
CA ASP A 283 -7.20 13.78 4.62
C ASP A 283 -7.06 15.28 4.85
N GLN A 284 -6.39 15.94 3.90
CA GLN A 284 -6.20 17.38 3.89
C GLN A 284 -6.01 17.79 2.43
N LEU A 285 -5.81 19.10 2.23
CA LEU A 285 -5.69 19.67 0.90
C LEU A 285 -4.23 20.06 0.62
N GLY A 286 -3.32 19.95 1.56
CA GLY A 286 -1.94 20.33 1.39
C GLY A 286 -1.77 21.82 1.71
N ASP A 287 -0.62 22.32 1.29
CA ASP A 287 -0.16 23.65 1.66
C ASP A 287 -1.16 24.67 1.11
N ARG A 288 -1.75 25.53 1.96
CA ARG A 288 -2.75 26.46 1.50
C ARG A 288 -2.18 27.86 1.25
N GLY A 289 -0.89 28.00 1.46
CA GLY A 289 -0.25 29.27 1.14
C GLY A 289 -0.64 30.35 2.14
N ASN A 290 -1.07 31.49 1.61
CA ASN A 290 -1.21 32.76 2.29
C ASN A 290 -2.56 32.78 3.01
N VAL A 291 -2.72 32.09 4.17
CA VAL A 291 -4.00 31.99 4.87
C VAL A 291 -3.95 32.34 6.35
N PHE A 292 -5.13 32.71 6.90
CA PHE A 292 -5.24 33.41 8.16
C PHE A 292 -6.38 32.86 8.99
N ARG A 293 -6.24 32.99 10.31
CA ARG A 293 -7.37 32.80 11.21
C ARG A 293 -8.30 34.01 11.12
N TYR A 294 -9.49 33.82 11.71
CA TYR A 294 -10.48 34.89 11.82
C TYR A 294 -9.80 36.18 12.29
N ASP A 295 -8.87 36.08 13.26
CA ASP A 295 -8.39 37.22 14.01
C ASP A 295 -7.26 37.86 13.24
N GLY A 296 -6.97 37.33 12.05
CA GLY A 296 -5.96 37.91 11.19
C GLY A 296 -4.57 37.33 11.44
N THR A 297 -4.41 36.46 12.44
CA THR A 297 -3.13 35.79 12.63
C THR A 297 -2.90 34.69 11.58
N ASN A 298 -1.63 34.27 11.40
CA ASN A 298 -1.29 33.19 10.47
C ASN A 298 -1.80 31.83 10.92
N ALA A 299 -2.38 31.07 9.99
CA ALA A 299 -3.04 29.83 10.38
C ALA A 299 -2.01 28.70 10.56
N ASP A 300 -0.82 28.87 9.94
CA ASP A 300 0.27 27.90 9.81
C ASP A 300 -0.21 26.46 10.04
N LEU A 301 -0.90 25.93 9.05
CA LEU A 301 -1.69 24.72 9.22
C LEU A 301 -0.84 23.50 9.58
N LYS A 302 0.37 23.34 9.01
CA LYS A 302 1.18 22.19 9.38
C LYS A 302 1.41 22.10 10.90
N ASN A 303 1.47 23.23 11.59
CA ASN A 303 1.69 23.25 13.04
C ASN A 303 0.40 23.03 13.83
N ALA A 304 -0.74 23.04 13.14
CA ALA A 304 -2.02 22.80 13.78
C ALA A 304 -2.34 21.31 13.82
N PHE A 305 -1.76 20.54 12.88
CA PHE A 305 -2.16 19.14 12.75
C PHE A 305 -1.81 18.33 13.98
N PRO A 306 -0.66 18.53 14.68
CA PRO A 306 -0.37 17.69 15.84
C PRO A 306 -1.43 17.73 16.94
N SER A 307 -1.90 18.91 17.31
CA SER A 307 -2.91 19.00 18.34
C SER A 307 -4.22 18.39 17.85
N PHE A 308 -4.53 18.53 16.57
CA PHE A 308 -5.72 17.93 16.01
C PHE A 308 -5.68 16.41 16.15
N ILE A 309 -4.56 15.80 15.75
CA ILE A 309 -4.45 14.35 15.84
C ILE A 309 -4.65 13.89 17.27
N SER A 310 -3.98 14.55 18.21
CA SER A 310 -4.07 14.10 19.59
C SER A 310 -5.48 14.28 20.13
N ALA A 311 -6.19 15.33 19.71
CA ALA A 311 -7.59 15.50 20.10
C ALA A 311 -8.47 14.39 19.54
N MET A 312 -8.28 14.03 18.26
CA MET A 312 -9.10 12.98 17.70
C MET A 312 -8.85 11.64 18.39
N LYS A 313 -7.58 11.35 18.72
CA LYS A 313 -7.22 10.13 19.41
C LYS A 313 -7.85 10.11 20.79
N SER A 314 -7.70 11.17 21.54
CA SER A 314 -8.22 11.16 22.89
C SER A 314 -9.73 11.02 22.92
N ALA A 315 -10.41 11.54 21.90
CA ALA A 315 -11.85 11.48 21.88
C ALA A 315 -12.35 10.05 21.63
N ASN A 316 -11.58 9.26 20.83
CA ASN A 316 -11.94 7.88 20.52
C ASN A 316 -10.68 7.04 20.62
N THR A 317 -10.35 6.70 21.86
CA THR A 317 -9.05 6.15 22.17
C THR A 317 -8.83 4.76 21.59
N ASN A 318 -9.91 4.03 21.26
CA ASN A 318 -9.82 2.71 20.67
C ASN A 318 -9.91 2.76 19.16
N LYS A 319 -9.86 3.95 18.55
CA LYS A 319 -9.95 4.05 17.10
C LYS A 319 -8.65 4.51 16.50
N LYS A 320 -8.33 3.94 15.34
CA LYS A 320 -7.08 4.20 14.63
C LYS A 320 -7.12 5.51 13.88
N LEU A 321 -5.93 6.11 13.70
CA LEU A 321 -5.78 7.26 12.83
C LEU A 321 -4.66 7.04 11.84
N VAL A 322 -4.87 7.56 10.61
CA VAL A 322 -3.82 7.73 9.60
C VAL A 322 -4.08 9.12 9.04
N MET A 323 -3.04 9.86 8.70
CA MET A 323 -3.23 11.18 8.11
C MET A 323 -2.34 11.35 6.89
N ASN A 324 -2.95 11.82 5.78
CA ASN A 324 -2.21 12.10 4.57
C ASN A 324 -1.37 13.37 4.70
N ALA A 325 -0.04 13.23 4.58
CA ALA A 325 0.83 14.39 4.37
C ALA A 325 0.94 14.65 2.87
N VAL A 326 0.12 15.57 2.39
CA VAL A 326 0.00 15.82 0.97
C VAL A 326 1.30 16.45 0.44
N ASN A 327 2.01 15.73 -0.40
CA ASN A 327 3.35 16.06 -0.81
C ASN A 327 4.26 16.40 0.40
N GLN A 328 4.07 15.66 1.51
CA GLN A 328 4.84 15.74 2.75
C GLN A 328 4.49 16.95 3.61
N TYR A 329 3.45 17.70 3.25
CA TYR A 329 3.06 18.87 4.01
C TYR A 329 2.48 18.41 5.34
N GLY A 330 3.15 18.82 6.41
CA GLY A 330 2.82 18.35 7.74
C GLY A 330 3.55 17.12 8.24
N GLN A 331 4.26 16.38 7.40
CA GLN A 331 4.80 15.10 7.82
C GLN A 331 5.78 15.24 8.98
N LYS A 332 6.70 16.20 8.87
CA LYS A 332 7.67 16.41 9.93
C LYS A 332 6.94 16.64 11.26
N GLU A 333 5.86 17.42 11.24
CA GLU A 333 5.18 17.85 12.43
C GLU A 333 4.37 16.71 13.03
N ILE A 334 3.81 15.81 12.20
CA ILE A 334 2.88 14.78 12.67
C ILE A 334 3.52 13.41 12.90
N ALA A 335 4.75 13.19 12.41
CA ALA A 335 5.29 11.83 12.34
C ALA A 335 5.53 11.17 13.70
N GLY A 336 5.56 11.97 14.76
CA GLY A 336 5.74 11.48 16.11
C GLY A 336 4.39 11.35 16.84
N LYS A 337 3.24 11.60 16.16
CA LYS A 337 1.94 11.57 16.82
C LYS A 337 1.30 10.17 16.71
N GLU A 338 0.03 10.07 17.16
CA GLU A 338 -0.67 8.82 17.44
C GLU A 338 -1.26 8.25 16.16
N LEU A 339 -0.42 8.12 15.13
CA LEU A 339 -0.85 7.62 13.82
C LEU A 339 -0.35 6.18 13.66
N ASP A 340 -1.15 5.31 13.04
CA ASP A 340 -0.75 3.92 12.94
C ASP A 340 0.50 3.74 12.08
N PHE A 341 0.56 4.47 10.97
CA PHE A 341 1.70 4.47 10.07
C PHE A 341 1.62 5.78 9.31
N LEU A 342 2.64 6.06 8.48
CA LEU A 342 2.69 7.32 7.75
C LEU A 342 2.16 7.12 6.33
N TYR A 343 1.69 8.24 5.77
CA TYR A 343 1.02 8.22 4.48
C TYR A 343 1.40 9.50 3.74
N THR A 344 1.90 9.34 2.52
CA THR A 344 2.31 10.46 1.69
C THR A 344 1.66 10.35 0.32
N GLU A 345 0.96 11.42 -0.07
CA GLU A 345 0.45 11.55 -1.45
C GLU A 345 1.50 12.33 -2.24
N VAL A 346 2.01 11.71 -3.32
CA VAL A 346 3.22 12.19 -3.97
C VAL A 346 2.85 13.02 -5.20
N TRP A 347 3.35 14.27 -5.23
CA TRP A 347 3.13 15.19 -6.34
C TRP A 347 4.44 15.82 -6.80
N SER A 348 4.34 16.62 -7.85
CA SER A 348 5.48 17.34 -8.37
C SER A 348 6.04 18.22 -7.26
N PRO A 349 7.36 18.40 -7.14
CA PRO A 349 8.37 17.90 -8.09
C PRO A 349 8.97 16.52 -7.80
N ASN A 350 8.28 15.72 -6.97
CA ASN A 350 8.74 14.41 -6.53
C ASN A 350 8.41 13.33 -7.53
N GLU A 351 8.88 13.53 -8.75
CA GLU A 351 8.46 12.71 -9.87
C GLU A 351 9.47 11.63 -10.26
N GLY A 352 10.69 11.65 -9.73
CA GLY A 352 11.64 10.61 -10.10
C GLY A 352 11.52 9.39 -9.19
N PHE A 353 11.94 8.23 -9.69
CA PHE A 353 12.04 7.05 -8.82
C PHE A 353 12.78 7.37 -7.53
N LYS A 354 13.83 8.18 -7.65
CA LYS A 354 14.61 8.46 -6.45
C LYS A 354 13.82 9.32 -5.46
N ASP A 355 12.79 10.03 -5.92
CA ASP A 355 12.01 10.86 -5.04
C ASP A 355 11.06 9.98 -4.21
N LEU A 356 10.61 8.83 -4.74
CA LEU A 356 9.82 7.89 -3.95
C LEU A 356 10.66 7.43 -2.79
N THR A 357 11.89 7.01 -3.10
CA THR A 357 12.72 6.42 -2.06
C THR A 357 13.10 7.48 -1.03
N GLN A 358 13.23 8.72 -1.47
CA GLN A 358 13.52 9.79 -0.55
C GLN A 358 12.37 10.01 0.43
N VAL A 359 11.13 9.92 -0.03
CA VAL A 359 10.00 10.01 0.88
C VAL A 359 10.07 8.92 1.93
N LEU A 360 10.36 7.69 1.49
CA LEU A 360 10.41 6.58 2.45
C LEU A 360 11.52 6.80 3.50
N THR A 361 12.68 7.26 3.05
CA THR A 361 13.81 7.53 3.95
C THR A 361 13.47 8.65 4.91
N ASP A 362 12.87 9.72 4.39
CA ASP A 362 12.54 10.88 5.20
C ASP A 362 11.49 10.52 6.24
N ASN A 363 10.53 9.71 5.85
CA ASN A 363 9.46 9.35 6.78
C ASN A 363 10.00 8.49 7.93
N ALA A 364 10.89 7.55 7.62
CA ALA A 364 11.48 6.76 8.70
C ALA A 364 12.17 7.70 9.67
N ALA A 365 12.95 8.67 9.14
CA ALA A 365 13.69 9.57 10.02
C ALA A 365 12.73 10.47 10.82
N TYR A 366 11.72 11.05 10.15
CA TYR A 366 10.77 11.90 10.85
C TYR A 366 10.12 11.15 12.01
N SER A 367 9.85 9.84 11.81
CA SER A 367 9.16 9.01 12.79
C SER A 367 10.13 8.39 13.80
N ASN A 368 11.42 8.64 13.71
CA ASN A 368 12.39 7.96 14.57
C ASN A 368 12.24 6.44 14.51
N ASN A 369 12.04 5.91 13.30
CA ASN A 369 11.93 4.47 13.05
C ASN A 369 10.72 3.84 13.76
N SER A 370 9.64 4.61 13.97
CA SER A 370 8.46 4.09 14.61
C SER A 370 7.42 3.63 13.60
N LYS A 371 7.48 4.10 12.33
CA LYS A 371 6.38 3.89 11.41
C LYS A 371 6.92 3.61 10.02
N ASN A 372 6.29 2.64 9.37
CA ASN A 372 6.41 2.43 7.96
C ASN A 372 5.46 3.34 7.18
N THR A 373 5.58 3.36 5.85
CA THR A 373 4.87 4.32 4.97
C THR A 373 4.04 3.61 3.91
N VAL A 374 2.85 4.19 3.71
CA VAL A 374 2.06 3.94 2.51
C VAL A 374 2.13 5.19 1.62
N LEU A 375 2.36 4.98 0.33
CA LEU A 375 2.33 6.03 -0.67
C LEU A 375 1.06 5.97 -1.49
N ALA A 376 0.46 7.14 -1.65
CA ALA A 376 -0.56 7.35 -2.67
C ALA A 376 0.19 8.03 -3.81
N ALA A 377 0.28 7.32 -4.95
CA ALA A 377 1.21 7.72 -6.02
C ALA A 377 0.53 7.27 -7.31
N TYR A 378 -0.25 8.17 -7.93
CA TYR A 378 -1.28 7.74 -8.87
C TYR A 378 -0.64 7.56 -10.24
N MET A 379 -0.66 6.30 -10.69
CA MET A 379 -0.02 5.90 -11.94
C MET A 379 -0.82 6.29 -13.16
N ASN A 380 -0.08 6.60 -14.24
CA ASN A 380 -0.66 6.84 -15.56
C ASN A 380 -1.66 7.97 -15.51
N TYR A 381 -1.36 9.00 -14.73
CA TYR A 381 -2.28 10.05 -14.33
C TYR A 381 -2.86 10.82 -15.53
N ASN A 382 -2.05 11.20 -16.51
CA ASN A 382 -2.57 11.94 -17.65
C ASN A 382 -3.39 11.02 -18.56
N LYS A 383 -2.88 9.81 -18.76
CA LYS A 383 -3.59 8.84 -19.56
C LYS A 383 -5.00 8.65 -18.99
N ALA A 384 -5.12 8.65 -17.65
CA ALA A 384 -6.35 8.44 -16.93
C ALA A 384 -7.38 9.57 -17.16
N ASN A 385 -7.05 10.58 -17.94
CA ASN A 385 -8.05 11.59 -18.33
C ASN A 385 -9.12 11.05 -19.26
N ASN A 386 -8.89 9.87 -19.83
CA ASN A 386 -9.90 9.22 -20.64
C ASN A 386 -9.95 7.77 -20.21
N GLN A 387 -11.01 7.07 -20.61
CA GLN A 387 -11.05 5.64 -20.38
C GLN A 387 -9.90 4.98 -21.14
N GLY A 388 -9.47 3.82 -20.65
CA GLY A 388 -8.32 3.15 -21.24
C GLY A 388 -7.79 2.08 -20.29
N MET A 389 -6.53 1.67 -20.52
N MET A 389 -6.51 1.71 -20.51
CA MET A 389 -5.92 0.70 -19.62
CA MET A 389 -5.86 0.65 -19.75
C MET A 389 -4.61 1.26 -19.09
C MET A 389 -4.58 1.22 -19.12
N PHE A 390 -4.30 0.81 -17.88
CA PHE A 390 -2.99 1.04 -17.30
C PHE A 390 -1.92 0.42 -18.20
N ASN A 391 -0.75 1.05 -18.17
CA ASN A 391 0.45 0.53 -18.82
C ASN A 391 1.15 -0.38 -17.82
N THR A 392 1.03 -1.70 -18.08
CA THR A 392 1.50 -2.72 -17.14
C THR A 392 2.93 -2.45 -16.68
N PRO A 393 3.93 -2.27 -17.57
CA PRO A 393 5.29 -2.13 -17.08
C PRO A 393 5.49 -0.91 -16.17
N GLY A 394 4.79 0.19 -16.42
CA GLY A 394 4.86 1.33 -15.55
C GLY A 394 4.45 1.01 -14.13
N VAL A 395 3.30 0.32 -14.04
CA VAL A 395 2.74 0.00 -12.74
C VAL A 395 3.72 -0.94 -12.02
N LEU A 396 4.25 -1.96 -12.73
CA LEU A 396 5.09 -2.96 -12.07
C LEU A 396 6.41 -2.36 -11.62
N LEU A 397 7.02 -1.54 -12.49
CA LEU A 397 8.30 -0.95 -12.11
C LEU A 397 8.14 -0.07 -10.86
N THR A 398 7.05 0.71 -10.78
CA THR A 398 6.86 1.57 -9.64
C THR A 398 6.68 0.71 -8.39
N ASP A 399 5.87 -0.35 -8.46
CA ASP A 399 5.71 -1.19 -7.26
C ASP A 399 7.02 -1.90 -6.91
N ALA A 400 7.82 -2.30 -7.90
CA ALA A 400 9.08 -2.95 -7.59
C ALA A 400 9.93 -2.00 -6.72
N VAL A 401 10.01 -0.73 -7.13
CA VAL A 401 10.82 0.24 -6.42
C VAL A 401 10.24 0.47 -5.03
N ILE A 402 8.94 0.76 -4.97
CA ILE A 402 8.32 1.02 -3.66
C ILE A 402 8.52 -0.15 -2.71
N PHE A 403 8.26 -1.36 -3.19
CA PHE A 403 8.27 -2.51 -2.32
C PHE A 403 9.69 -2.84 -1.92
N ALA A 404 10.65 -2.77 -2.84
CA ALA A 404 12.02 -3.14 -2.55
C ALA A 404 12.59 -2.25 -1.45
N PHE A 405 12.15 -0.98 -1.40
CA PHE A 405 12.63 -0.02 -0.42
C PHE A 405 11.73 0.04 0.80
N GLY A 406 10.92 -1.00 1.01
CA GLY A 406 10.16 -1.13 2.24
C GLY A 406 8.94 -0.22 2.36
N GLY A 407 8.48 0.27 1.21
CA GLY A 407 7.26 1.02 1.10
C GLY A 407 6.06 0.10 0.82
N SER A 408 4.91 0.76 0.69
CA SER A 408 3.65 0.17 0.37
C SER A 408 2.89 1.22 -0.46
N HIS A 409 2.00 0.75 -1.33
CA HIS A 409 1.34 1.61 -2.32
C HIS A 409 -0.17 1.43 -2.21
N LEU A 410 -0.88 2.50 -1.86
CA LEU A 410 -2.34 2.47 -1.87
C LEU A 410 -2.79 2.65 -3.33
N GLU A 411 -3.28 1.56 -3.93
CA GLU A 411 -3.62 1.60 -5.35
C GLU A 411 -4.84 0.75 -5.72
N LEU A 412 -5.25 -0.20 -4.86
CA LEU A 412 -6.28 -1.16 -5.25
C LEU A 412 -7.57 -0.99 -4.45
N GLY A 413 -8.68 -1.03 -5.18
CA GLY A 413 -10.00 -0.96 -4.59
C GLY A 413 -10.96 -1.77 -5.47
N GLU A 414 -12.05 -1.15 -5.96
CA GLU A 414 -12.87 -1.80 -6.98
C GLU A 414 -12.10 -1.84 -8.31
N HIS A 415 -11.14 -0.94 -8.42
CA HIS A 415 -10.31 -0.69 -9.62
C HIS A 415 -8.99 -0.17 -9.07
N MET A 416 -8.02 0.01 -9.96
CA MET A 416 -6.77 0.63 -9.57
C MET A 416 -6.87 2.16 -9.72
N LEU A 417 -6.22 2.90 -8.82
CA LEU A 417 -6.27 4.36 -8.87
C LEU A 417 -5.47 4.93 -10.03
N GLY A 418 -6.14 5.82 -10.77
CA GLY A 418 -5.46 6.72 -11.70
C GLY A 418 -5.47 8.18 -11.28
N LYS A 419 -6.26 8.54 -10.27
CA LYS A 419 -6.50 9.90 -9.85
C LYS A 419 -6.67 9.96 -8.35
N GLU A 420 -6.53 11.18 -7.81
CA GLU A 420 -6.74 11.42 -6.39
C GLU A 420 -8.23 11.30 -6.02
N TYR A 421 -9.11 11.45 -6.99
CA TYR A 421 -10.53 11.23 -6.80
C TYR A 421 -10.74 9.74 -7.00
N PHE A 422 -10.82 9.00 -5.89
CA PHE A 422 -10.77 7.55 -5.95
C PHE A 422 -11.88 6.92 -6.80
N PRO A 423 -13.13 7.46 -6.89
CA PRO A 423 -14.12 6.86 -7.76
C PRO A 423 -13.82 6.92 -9.25
N ASN A 424 -12.81 7.66 -9.68
CA ASN A 424 -12.44 7.66 -11.08
C ASN A 424 -11.91 6.27 -11.44
N LYS A 425 -12.57 5.59 -12.38
CA LYS A 425 -12.23 4.22 -12.77
C LYS A 425 -11.97 4.22 -14.28
N ASN A 426 -11.47 5.34 -14.82
CA ASN A 426 -11.21 5.43 -16.24
C ASN A 426 -10.30 4.31 -16.74
N LEU A 427 -9.22 4.03 -16.02
CA LEU A 427 -8.27 3.02 -16.47
C LEU A 427 -8.55 1.65 -15.86
N SER A 428 -8.50 0.63 -16.74
N SER A 428 -8.53 0.62 -16.70
CA SER A 428 -8.60 -0.80 -16.44
CA SER A 428 -8.62 -0.75 -16.23
C SER A 428 -7.22 -1.43 -16.34
C SER A 428 -7.25 -1.41 -16.30
N MET A 429 -7.09 -2.48 -15.52
CA MET A 429 -5.92 -3.32 -15.52
C MET A 429 -6.11 -4.49 -16.49
N SER A 430 -5.10 -4.80 -17.30
CA SER A 430 -5.15 -6.00 -18.13
C SER A 430 -5.15 -7.24 -17.25
N ALA A 431 -5.56 -8.36 -17.79
CA ALA A 431 -5.52 -9.62 -17.07
C ALA A 431 -4.10 -9.92 -16.64
N GLU A 432 -3.11 -9.62 -17.50
CA GLU A 432 -1.71 -9.85 -17.19
C GLU A 432 -1.26 -9.01 -16.01
N LEU A 433 -1.68 -7.75 -15.99
CA LEU A 433 -1.33 -6.88 -14.89
C LEU A 433 -1.95 -7.41 -13.60
N LYS A 434 -3.20 -7.84 -13.62
CA LYS A 434 -3.86 -8.34 -12.43
C LYS A 434 -3.05 -9.51 -11.89
N SER A 435 -2.64 -10.43 -12.76
CA SER A 435 -1.99 -11.66 -12.29
C SER A 435 -0.57 -11.36 -11.83
N SER A 436 0.14 -10.49 -12.54
CA SER A 436 1.50 -10.08 -12.13
C SER A 436 1.43 -9.38 -10.79
N LEU A 437 0.45 -8.49 -10.63
CA LEU A 437 0.34 -7.74 -9.40
C LEU A 437 -0.01 -8.66 -8.23
N LEU A 438 -0.73 -9.75 -8.47
N LEU A 438 -0.78 -9.75 -8.44
CA LEU A 438 -0.97 -10.67 -7.39
CA LEU A 438 -0.98 -10.73 -7.38
C LEU A 438 0.35 -11.31 -6.94
C LEU A 438 0.39 -11.24 -6.92
N GLU A 439 1.28 -11.57 -7.86
CA GLU A 439 2.60 -12.07 -7.46
C GLU A 439 3.37 -10.99 -6.70
N TYR A 440 3.28 -9.72 -7.12
CA TYR A 440 4.02 -8.68 -6.41
C TYR A 440 3.50 -8.51 -4.98
N TYR A 441 2.17 -8.59 -4.80
CA TYR A 441 1.60 -8.50 -3.46
C TYR A 441 1.94 -9.76 -2.65
N ASP A 442 1.98 -10.91 -3.29
CA ASP A 442 2.42 -12.10 -2.58
C ASP A 442 3.85 -11.89 -2.10
N PHE A 443 4.69 -11.30 -2.96
CA PHE A 443 6.12 -11.18 -2.68
C PHE A 443 6.38 -10.21 -1.53
N MET A 444 5.71 -9.07 -1.53
CA MET A 444 5.92 -8.09 -0.49
C MET A 444 5.25 -8.48 0.83
N THR A 445 4.33 -9.43 0.81
CA THR A 445 3.79 -10.06 1.99
C THR A 445 4.76 -11.12 2.51
N ALA A 446 5.13 -12.12 1.69
CA ALA A 446 5.99 -13.23 2.09
C ALA A 446 7.33 -12.75 2.62
N TYR A 447 7.87 -11.70 2.01
CA TYR A 447 9.22 -11.28 2.30
C TYR A 447 9.22 -9.97 3.09
N GLN A 448 8.10 -9.64 3.73
CA GLN A 448 7.99 -8.40 4.48
C GLN A 448 9.06 -8.25 5.57
N ASN A 449 9.53 -9.36 6.18
CA ASN A 449 10.58 -9.24 7.18
C ASN A 449 11.91 -8.78 6.58
N LEU A 450 12.13 -9.03 5.30
CA LEU A 450 13.35 -8.55 4.63
C LEU A 450 13.19 -7.13 4.11
N LEU A 451 11.96 -6.77 3.73
CA LEU A 451 11.70 -5.50 3.06
C LEU A 451 11.47 -4.32 4.00
N ARG A 452 10.79 -4.55 5.12
CA ARG A 452 10.46 -3.42 5.98
C ARG A 452 10.39 -3.86 7.44
N ASP A 453 11.48 -4.49 7.86
CA ASP A 453 11.62 -4.88 9.26
C ASP A 453 13.06 -4.79 9.73
N GLY A 454 13.58 -3.59 9.65
CA GLY A 454 14.89 -3.28 10.20
C GLY A 454 16.05 -3.48 9.23
N GLY A 455 17.24 -3.18 9.72
CA GLY A 455 18.43 -3.31 8.89
C GLY A 455 18.93 -1.96 8.37
N THR A 456 20.02 -2.01 7.60
CA THR A 456 20.81 -0.85 7.20
C THR A 456 21.02 -0.88 5.69
N TYR A 457 20.68 0.20 4.98
CA TYR A 457 21.02 0.24 3.56
C TYR A 457 22.52 0.35 3.39
N THR A 458 23.03 -0.41 2.41
CA THR A 458 24.47 -0.53 2.19
C THR A 458 24.80 -0.35 0.71
N ASN A 459 26.05 -0.02 0.42
CA ASN A 459 26.51 0.07 -0.95
C ASN A 459 26.78 -1.32 -1.50
N PRO A 460 26.12 -1.72 -2.61
CA PRO A 460 26.43 -2.99 -3.24
C PRO A 460 27.88 -3.13 -3.67
N THR A 461 28.36 -4.36 -3.60
CA THR A 461 29.70 -4.72 -4.07
C THR A 461 29.57 -5.84 -5.09
N ILE A 462 28.69 -5.68 -6.06
CA ILE A 462 28.36 -6.73 -7.01
C ILE A 462 28.59 -6.23 -8.42
N ALA A 463 28.88 -7.17 -9.32
CA ALA A 463 29.22 -6.89 -10.71
C ALA A 463 28.64 -7.98 -11.61
N THR A 464 28.45 -7.63 -12.86
CA THR A 464 28.21 -8.64 -13.89
C THR A 464 29.48 -9.46 -14.05
N GLY A 465 29.28 -10.75 -14.34
CA GLY A 465 30.37 -11.63 -14.68
C GLY A 465 30.27 -12.16 -16.10
N ASP A 466 29.36 -11.61 -16.91
CA ASP A 466 29.29 -12.02 -18.30
C ASP A 466 28.79 -10.96 -19.26
N GLY A 467 28.56 -9.73 -18.81
CA GLY A 467 28.14 -8.66 -19.70
C GLY A 467 26.68 -8.75 -20.14
N LYS A 468 25.89 -9.67 -19.57
CA LYS A 468 24.52 -9.80 -19.99
C LYS A 468 23.65 -8.69 -19.46
N LEU A 469 24.14 -8.00 -18.43
CA LEU A 469 23.50 -6.81 -17.92
C LEU A 469 24.60 -5.85 -17.49
N ASN A 470 24.21 -4.59 -17.29
CA ASN A 470 25.15 -3.56 -16.84
C ASN A 470 24.55 -2.96 -15.58
N LEU A 471 25.34 -2.88 -14.52
CA LEU A 471 24.85 -2.44 -13.21
C LEU A 471 25.17 -0.98 -12.94
N GLY A 472 24.19 -0.37 -12.28
CA GLY A 472 24.40 0.86 -11.56
C GLY A 472 24.07 0.65 -10.08
N SER A 473 23.83 1.75 -9.35
CA SER A 473 23.44 1.61 -7.95
C SER A 473 22.15 2.41 -7.77
N TRP A 474 22.07 3.26 -6.75
CA TRP A 474 20.89 4.04 -6.43
C TRP A 474 21.38 5.43 -6.10
N PRO A 475 20.74 6.50 -6.57
CA PRO A 475 19.56 6.48 -7.43
C PRO A 475 19.88 5.87 -8.79
N PRO A 476 18.81 5.52 -9.54
CA PRO A 476 19.02 4.68 -10.71
C PRO A 476 19.58 5.40 -11.91
N THR A 477 20.32 4.64 -12.70
CA THR A 477 20.79 5.04 -13.99
C THR A 477 19.88 4.50 -15.09
N MET A 478 19.44 5.35 -16.03
CA MET A 478 18.70 4.82 -17.15
C MET A 478 19.61 3.92 -18.00
N GLY A 479 19.11 2.77 -18.47
CA GLY A 479 19.82 1.83 -19.28
C GLY A 479 20.69 0.86 -18.48
N LYS A 480 20.48 0.81 -17.16
CA LYS A 480 21.22 -0.14 -16.33
C LYS A 480 20.24 -0.82 -15.37
N VAL A 481 20.71 -1.95 -14.85
CA VAL A 481 20.12 -2.57 -13.69
C VAL A 481 20.61 -1.87 -12.43
N ALA A 482 19.71 -1.34 -11.62
CA ALA A 482 20.11 -0.74 -10.36
C ALA A 482 20.28 -1.83 -9.29
N ALA A 483 21.41 -1.81 -8.57
CA ALA A 483 21.66 -2.64 -7.42
C ALA A 483 21.43 -1.81 -6.15
N VAL A 484 20.65 -2.37 -5.24
CA VAL A 484 20.33 -1.76 -3.96
C VAL A 484 20.74 -2.76 -2.89
N GLY A 485 21.51 -2.36 -1.89
CA GLY A 485 21.94 -3.26 -0.83
C GLY A 485 21.27 -2.97 0.51
N LYS A 486 21.01 -4.02 1.27
CA LYS A 486 20.54 -3.84 2.63
C LYS A 486 20.99 -4.99 3.53
N GLN A 487 21.51 -4.65 4.69
CA GLN A 487 21.85 -5.59 5.71
C GLN A 487 20.64 -5.74 6.63
N VAL A 488 20.07 -6.96 6.75
CA VAL A 488 18.94 -7.23 7.61
C VAL A 488 19.30 -8.43 8.48
N GLY A 489 19.64 -8.21 9.77
CA GLY A 489 20.14 -9.31 10.59
C GLY A 489 21.47 -9.82 10.07
N SER A 490 21.64 -11.15 10.03
CA SER A 490 22.83 -11.79 9.48
C SER A 490 22.67 -12.03 7.99
N ARG A 491 21.73 -11.34 7.30
CA ARG A 491 21.56 -11.49 5.88
C ARG A 491 21.99 -10.23 5.16
N GLU A 492 22.63 -10.42 4.01
CA GLU A 492 22.86 -9.32 3.10
C GLU A 492 21.93 -9.50 1.91
N ILE A 493 21.20 -8.42 1.62
CA ILE A 493 20.18 -8.42 0.57
C ILE A 493 20.71 -7.56 -0.56
N ILE A 494 20.51 -8.03 -1.80
CA ILE A 494 20.67 -7.22 -3.00
C ILE A 494 19.38 -7.25 -3.80
N HIS A 495 18.82 -6.08 -4.01
CA HIS A 495 17.75 -5.92 -4.98
C HIS A 495 18.33 -5.49 -6.31
N LEU A 496 17.86 -6.15 -7.37
CA LEU A 496 18.13 -5.75 -8.74
C LEU A 496 16.83 -5.21 -9.31
N LEU A 497 16.89 -3.94 -9.73
CA LEU A 497 15.74 -3.25 -10.26
C LEU A 497 16.09 -2.81 -11.67
N ASN A 498 15.33 -3.32 -12.64
CA ASN A 498 15.82 -3.29 -14.00
C ASN A 498 15.34 -2.06 -14.79
N PHE A 499 16.24 -1.07 -15.00
CA PHE A 499 15.94 0.10 -15.81
C PHE A 499 16.67 0.03 -17.16
N THR A 500 17.10 -1.17 -17.58
CA THR A 500 17.82 -1.32 -18.82
C THR A 500 17.07 -0.70 -19.99
N ASN A 501 15.76 -0.93 -20.02
CA ASN A 501 14.92 -0.53 -21.14
C ASN A 501 14.06 0.68 -20.78
N ALA A 502 14.34 1.37 -19.69
CA ALA A 502 13.52 2.50 -19.27
C ALA A 502 13.66 3.65 -20.25
N ASN A 503 12.56 4.35 -20.55
CA ASN A 503 12.69 5.54 -21.38
C ASN A 503 12.43 6.79 -20.57
N SER A 504 12.42 6.64 -19.24
CA SER A 504 12.21 7.72 -18.31
C SER A 504 12.54 7.19 -16.94
N LEU A 505 12.98 8.06 -16.04
CA LEU A 505 13.08 7.72 -14.62
C LEU A 505 12.00 8.41 -13.82
N ASN A 506 10.90 8.78 -14.48
CA ASN A 506 9.74 9.31 -13.80
C ASN A 506 8.79 8.17 -13.42
N TRP A 507 8.50 8.00 -12.13
CA TRP A 507 7.71 6.85 -11.67
C TRP A 507 6.26 6.86 -12.18
N ARG A 508 5.69 8.02 -12.42
CA ARG A 508 4.25 8.12 -12.70
C ARG A 508 3.89 7.52 -14.06
N ASP A 509 4.84 7.47 -14.98
CA ASP A 509 4.56 6.96 -16.31
C ASP A 509 3.27 7.61 -16.82
N THR A 510 3.22 8.95 -16.77
CA THR A 510 1.95 9.65 -16.86
C THR A 510 1.24 9.42 -18.18
N ASP A 511 1.98 9.18 -19.23
CA ASP A 511 1.40 8.95 -20.56
C ASP A 511 1.37 7.48 -20.94
N GLY A 512 1.79 6.58 -20.02
CA GLY A 512 1.70 5.16 -20.29
C GLY A 512 2.68 4.69 -21.37
N THR A 513 3.89 5.24 -21.39
CA THR A 513 4.89 4.94 -22.38
C THR A 513 6.07 4.10 -21.87
N GLN A 514 6.15 3.80 -20.58
CA GLN A 514 7.28 3.04 -20.10
C GLN A 514 7.31 1.69 -20.81
N ASN A 515 8.52 1.19 -21.04
CA ASN A 515 8.74 -0.04 -21.80
C ASN A 515 8.66 -1.29 -20.95
N VAL A 516 8.21 -2.39 -21.56
CA VAL A 516 8.33 -3.70 -20.95
C VAL A 516 9.81 -4.05 -20.97
N PRO A 517 10.46 -4.39 -19.83
CA PRO A 517 11.87 -4.79 -19.93
C PRO A 517 12.07 -6.17 -20.56
N ASP A 518 13.14 -6.26 -21.36
CA ASP A 518 13.54 -7.55 -21.94
C ASP A 518 13.98 -8.45 -20.79
N LEU A 519 13.65 -9.74 -20.89
CA LEU A 519 14.16 -10.70 -19.93
C LEU A 519 15.67 -10.82 -20.08
N ILE A 520 16.35 -10.89 -18.93
CA ILE A 520 17.75 -11.26 -18.87
C ILE A 520 17.80 -12.62 -18.21
N LYS A 521 18.46 -13.60 -18.82
CA LYS A 521 18.43 -14.97 -18.30
C LYS A 521 19.84 -15.49 -18.01
N GLN A 522 19.93 -16.31 -16.95
CA GLN A 522 21.13 -17.02 -16.56
C GLN A 522 22.32 -16.07 -16.53
N ALA A 523 22.19 -15.01 -15.74
CA ALA A 523 23.16 -13.92 -15.69
C ALA A 523 24.10 -14.19 -14.54
N MET A 524 25.39 -14.25 -14.86
CA MET A 524 26.42 -14.42 -13.86
C MET A 524 26.69 -13.11 -13.13
N LEU A 525 26.83 -13.21 -11.80
CA LEU A 525 27.19 -12.10 -10.95
C LEU A 525 28.34 -12.48 -10.05
N ASN A 526 29.23 -11.51 -9.80
CA ASN A 526 30.39 -11.63 -8.94
C ASN A 526 30.21 -10.63 -7.80
N LEU A 527 30.02 -11.17 -6.60
CA LEU A 527 29.85 -10.39 -5.38
C LEU A 527 31.12 -10.42 -4.52
N ASN A 528 31.59 -9.27 -4.06
CA ASN A 528 32.58 -9.23 -2.98
C ASN A 528 31.88 -9.31 -1.64
N HIS A 529 32.31 -10.27 -0.81
CA HIS A 529 31.68 -10.60 0.46
C HIS A 529 32.76 -11.00 1.46
N SER A 530 32.90 -10.26 2.56
CA SER A 530 34.06 -10.47 3.43
C SER A 530 33.78 -11.44 4.58
N GLY A 531 32.62 -12.11 4.57
CA GLY A 531 32.39 -13.24 5.46
C GLY A 531 32.29 -14.55 4.69
N LYS A 532 32.26 -15.68 5.41
CA LYS A 532 32.05 -16.97 4.77
C LYS A 532 30.56 -17.09 4.47
N VAL A 533 30.26 -17.47 3.23
CA VAL A 533 28.90 -17.59 2.76
C VAL A 533 28.43 -19.02 2.98
N THR A 534 27.24 -19.15 3.58
CA THR A 534 26.64 -20.45 3.77
C THR A 534 25.61 -20.77 2.69
N LYS A 535 24.76 -19.80 2.34
CA LYS A 535 23.67 -20.05 1.43
C LYS A 535 23.40 -18.77 0.65
N ILE A 536 23.12 -18.90 -0.65
CA ILE A 536 22.62 -17.79 -1.44
C ILE A 536 21.28 -18.24 -2.03
N TRP A 537 20.25 -17.39 -1.92
CA TRP A 537 19.00 -17.71 -2.56
C TRP A 537 18.46 -16.48 -3.25
N TYR A 538 17.61 -16.77 -4.23
CA TYR A 538 17.01 -15.81 -5.15
C TYR A 538 15.50 -15.89 -4.98
N ALA A 539 14.82 -14.76 -5.07
CA ALA A 539 13.38 -14.76 -5.27
C ALA A 539 12.99 -13.54 -6.06
N SER A 540 11.98 -13.72 -6.92
CA SER A 540 11.50 -12.65 -7.77
C SER A 540 10.02 -12.83 -8.01
N PRO A 541 9.20 -11.75 -7.93
CA PRO A 541 7.80 -11.94 -8.30
C PRO A 541 7.61 -12.26 -9.77
N ASP A 542 8.66 -12.04 -10.58
CA ASP A 542 8.59 -12.29 -12.01
C ASP A 542 8.89 -13.72 -12.40
N TYR A 543 9.33 -14.55 -11.46
CA TYR A 543 9.83 -15.89 -11.74
C TYR A 543 9.31 -16.85 -10.69
N ASN A 544 8.67 -17.92 -11.11
CA ASN A 544 8.30 -18.97 -10.19
C ASN A 544 7.46 -18.46 -9.02
N GLY A 545 6.63 -17.42 -9.27
CA GLY A 545 5.69 -16.98 -8.26
C GLY A 545 6.38 -16.44 -7.00
N GLY A 546 7.64 -16.04 -7.11
CA GLY A 546 8.38 -15.51 -5.97
C GLY A 546 8.90 -16.56 -5.01
N ALA A 547 8.70 -17.85 -5.31
CA ALA A 547 9.29 -18.91 -4.51
C ALA A 547 10.81 -18.82 -4.49
N ALA A 548 11.42 -19.04 -3.33
CA ALA A 548 12.87 -18.99 -3.17
C ALA A 548 13.54 -20.13 -3.93
N VAL A 549 14.65 -19.81 -4.58
CA VAL A 549 15.47 -20.72 -5.37
C VAL A 549 16.89 -20.63 -4.77
N GLU A 550 17.40 -21.72 -4.20
CA GLU A 550 18.77 -21.68 -3.70
C GLU A 550 19.70 -21.73 -4.90
N LEU A 551 20.76 -20.93 -4.85
CA LEU A 551 21.70 -20.83 -5.96
C LEU A 551 23.01 -21.50 -5.60
N SER A 552 23.58 -22.24 -6.57
CA SER A 552 24.97 -22.71 -6.49
C SER A 552 25.88 -21.50 -6.46
N PHE A 553 27.00 -21.62 -5.76
CA PHE A 553 27.98 -20.56 -5.76
C PHE A 553 29.36 -21.17 -5.55
N SER A 554 30.35 -20.41 -6.02
CA SER A 554 31.71 -20.69 -5.63
C SER A 554 32.29 -19.45 -4.97
N GLN A 555 33.36 -19.65 -4.21
CA GLN A 555 33.98 -18.53 -3.53
C GLN A 555 35.50 -18.70 -3.59
N ASN A 556 36.18 -17.64 -4.06
CA ASN A 556 37.63 -17.57 -4.19
C ASN A 556 38.04 -16.25 -3.53
N GLY A 557 38.65 -16.33 -2.35
CA GLY A 557 38.86 -15.15 -1.51
C GLY A 557 37.51 -14.54 -1.14
N GLU A 558 37.35 -13.24 -1.42
CA GLU A 558 36.11 -12.55 -1.12
C GLU A 558 35.20 -12.52 -2.33
N LYS A 559 35.61 -13.16 -3.42
CA LYS A 559 34.82 -13.11 -4.65
C LYS A 559 33.91 -14.33 -4.73
N VAL A 560 32.60 -14.06 -4.74
CA VAL A 560 31.55 -15.06 -4.74
C VAL A 560 30.86 -14.99 -6.10
N ASN A 561 30.82 -16.11 -6.81
CA ASN A 561 30.26 -16.19 -8.14
C ASN A 561 28.96 -17.02 -8.08
N PHE A 562 27.94 -16.59 -8.82
CA PHE A 562 26.69 -17.33 -8.93
C PHE A 562 25.94 -16.79 -10.13
N LYS A 563 24.83 -17.42 -10.45
CA LYS A 563 24.06 -17.08 -11.63
C LYS A 563 22.61 -16.90 -11.22
N VAL A 564 21.95 -15.83 -11.63
CA VAL A 564 20.51 -15.73 -11.39
C VAL A 564 19.70 -16.17 -12.59
N PRO A 565 18.57 -16.85 -12.35
CA PRO A 565 17.85 -17.47 -13.46
C PRO A 565 17.21 -16.45 -14.39
N VAL A 566 16.60 -15.40 -13.84
CA VAL A 566 15.82 -14.47 -14.65
C VAL A 566 15.85 -13.12 -13.94
N LEU A 567 15.99 -12.05 -14.71
CA LEU A 567 15.65 -10.71 -14.28
C LEU A 567 14.77 -10.07 -15.35
N GLN A 568 13.60 -9.58 -14.94
CA GLN A 568 12.75 -8.78 -15.80
C GLN A 568 12.60 -7.41 -15.15
N TYR A 569 11.81 -7.33 -14.08
CA TYR A 569 11.68 -6.09 -13.34
C TYR A 569 12.49 -6.02 -12.05
N TRP A 570 12.37 -7.04 -11.23
CA TRP A 570 12.87 -7.00 -9.86
C TRP A 570 13.24 -8.41 -9.43
N ALA A 571 14.48 -8.59 -8.97
CA ALA A 571 14.87 -9.83 -8.32
C ALA A 571 15.58 -9.47 -7.03
N MET A 572 15.46 -10.36 -6.05
CA MET A 572 16.10 -10.20 -4.76
C MET A 572 17.06 -11.37 -4.57
N ILE A 573 18.30 -11.04 -4.16
N ILE A 573 18.29 -11.02 -4.14
CA ILE A 573 19.32 -12.03 -3.85
CA ILE A 573 19.35 -11.97 -3.85
C ILE A 573 19.63 -11.89 -2.36
C ILE A 573 19.62 -11.89 -2.34
N VAL A 574 19.64 -13.04 -1.67
CA VAL A 574 19.85 -13.05 -0.23
C VAL A 574 21.06 -13.91 0.08
N VAL A 575 22.01 -13.33 0.81
CA VAL A 575 23.27 -13.99 1.13
C VAL A 575 23.31 -14.22 2.64
N GLU A 576 23.37 -15.50 3.02
CA GLU A 576 23.42 -15.90 4.42
C GLU A 576 24.76 -16.59 4.78
C1 GLC B . -11.73 16.88 -1.54
C2 GLC B . -12.86 16.20 -0.73
C3 GLC B . -13.28 14.86 -1.32
C4 GLC B . -13.58 15.03 -2.81
C5 GLC B . -12.47 15.74 -3.52
C6 GLC B . -12.81 16.11 -4.95
O1 GLC B . -10.58 16.16 -1.37
O2 GLC B . -12.51 16.09 0.66
O3 GLC B . -14.44 14.42 -0.65
O4 GLC B . -13.74 13.74 -3.44
O5 GLC B . -12.18 17.01 -2.87
O6 GLC B . -11.74 16.84 -5.59
H1 GLC B . -11.59 17.78 -1.18
H2 GLC B . -13.64 16.80 -0.80
H3 GLC B . -12.55 14.20 -1.20
H4 GLC B . -14.42 15.53 -2.92
H5 GLC B . -11.67 15.17 -3.51
H61 GLC B . -13.62 16.66 -4.96
H62 GLC B . -12.99 15.29 -5.46
HO1 GLC B . -10.06 16.32 -2.02
HO2 GLC B . -12.61 15.29 0.89
HO3 GLC B . -15.05 14.32 -1.22
HO4 GLC B . -13.16 13.66 -4.05
HO6 GLC B . -11.12 16.94 -5.02
C1 GLC B . -10.80 16.04 -6.38
C2 GLC B . -9.79 17.04 -6.90
C3 GLC B . -10.47 18.05 -7.82
C4 GLC B . -11.23 17.37 -8.92
C5 GLC B . -12.18 16.35 -8.35
C6 GLC B . -12.86 15.50 -9.38
O2 GLC B . -9.17 17.67 -5.78
O3 GLC B . -9.53 18.95 -8.38
O4 GLC B . -11.98 18.32 -9.69
O5 GLC B . -11.47 15.42 -7.48
O6 GLC B . -11.94 14.89 -10.27
H1 GLC B . -10.31 15.33 -5.87
H2 GLC B . -9.11 16.55 -7.41
H3 GLC B . -11.11 18.58 -7.28
H4 GLC B . -10.58 16.91 -9.52
H5 GLC B . -12.87 16.82 -7.83
H61 GLC B . -13.48 16.05 -9.90
H62 GLC B . -13.38 14.80 -8.93
HO2 GLC B . -9.34 18.50 -5.85
HO3 GLC B . -9.55 18.94 -9.21
HO4 GLC B . -12.78 18.10 -9.69
HO6 GLC B . -11.14 15.12 -10.07
C1 GLC B . -12.52 14.28 -11.46
C2 GLC B . -11.42 13.57 -12.24
C3 GLC B . -10.39 14.58 -12.78
C4 GLC B . -11.11 15.64 -13.61
C5 GLC B . -12.18 16.33 -12.74
C6 GLC B . -12.95 17.38 -13.54
O2 GLC B . -10.84 12.53 -11.44
O3 GLC B . -9.43 13.91 -13.57
O4 GLC B . -10.19 16.61 -14.12
O5 GLC B . -13.13 15.32 -12.27
O6 GLC B . -13.75 16.75 -14.56
H1 GLC B . -13.23 13.62 -11.24
H2 GLC B . -11.86 13.14 -13.02
H3 GLC B . -9.94 15.02 -12.01
H4 GLC B . -11.56 15.20 -14.37
H5 GLC B . -11.74 16.76 -11.96
H61 GLC B . -12.31 18.01 -13.97
H62 GLC B . -13.52 17.90 -12.94
HO2 GLC B . -10.01 12.67 -11.41
HO3 GLC B . -9.44 14.27 -14.35
HO4 GLC B . -10.39 17.39 -13.87
HO6 GLC B . -13.59 15.90 -14.56
S SO4 C . -13.99 4.66 21.41
O1 SO4 C . -12.62 4.72 20.90
O2 SO4 C . -14.29 3.29 21.82
O3 SO4 C . -14.87 5.02 20.35
O4 SO4 C . -14.11 5.59 22.52
NA NA D . 1.62 -16.31 -6.16
NA NA E . -6.24 15.11 -0.05
NA NA F . -18.06 -0.70 -4.27
#